data_3B79
#
_entry.id   3B79
#
_cell.length_a   46.173
_cell.length_b   46.173
_cell.length_c   105.975
_cell.angle_alpha   90.00
_cell.angle_beta   90.00
_cell.angle_gamma   90.00
#
_symmetry.space_group_name_H-M   'P 43 21 2'
#
loop_
_entity.id
_entity.type
_entity.pdbx_description
1 polymer 'Toxin secretion ATP-binding protein'
2 water water
#
_entity_poly.entity_id   1
_entity_poly.type   'polypeptide(L)'
_entity_poly.pdbx_seq_one_letter_code
;SNA(MSE)KDPLLNSLIYVSRYYGLANSPEALVNGLPLSDGKLTPFLLPRAAERAGLVAKENRAELEKISSLILPAILVL
KGGDSCVLNSIN(MSE)ETREAEVTTLESG(MSE)VPISIPLEDLLEQYTGRYFLVKKQFR
;
_entity_poly.pdbx_strand_id   A
#
# COMPACT_ATOMS: atom_id res chain seq x y z
N ALA A 3 -4.52 -17.40 3.76
CA ALA A 3 -3.23 -16.66 3.83
C ALA A 3 -3.04 -15.83 2.56
N MSE A 4 -3.02 -14.51 2.71
N MSE A 4 -2.99 -14.50 2.71
CA MSE A 4 -2.72 -13.61 1.58
CA MSE A 4 -2.73 -13.61 1.57
C MSE A 4 -1.25 -13.75 1.17
C MSE A 4 -1.28 -13.74 1.09
O MSE A 4 -0.37 -13.77 2.02
O MSE A 4 -0.35 -13.71 1.89
CB MSE A 4 -3.01 -12.16 1.97
CB MSE A 4 -3.03 -12.16 1.96
CG MSE A 4 -2.64 -11.15 0.92
CG MSE A 4 -4.50 -11.91 2.21
SE MSE A 4 -3.92 -11.01 -0.53
SE MSE A 4 -5.45 -11.70 0.52
CE MSE A 4 -5.35 -10.24 0.53
CE MSE A 4 -4.81 -9.93 0.11
N LYS A 5 -0.99 -13.86 -0.14
N LYS A 5 -1.09 -13.89 -0.23
CA LYS A 5 0.38 -13.91 -0.68
CA LYS A 5 0.25 -14.04 -0.81
C LYS A 5 0.74 -12.74 -1.60
C LYS A 5 0.64 -12.93 -1.81
N ASP A 6 -0.26 -11.99 -2.01
CA ASP A 6 -0.06 -10.92 -2.99
C ASP A 6 0.13 -9.62 -2.16
N PRO A 7 1.34 -9.06 -2.10
CA PRO A 7 1.53 -7.89 -1.23
C PRO A 7 0.74 -6.66 -1.69
N LEU A 8 0.64 -6.38 -2.99
CA LEU A 8 -0.07 -5.20 -3.45
C LEU A 8 -1.56 -5.36 -3.19
N LEU A 9 -2.09 -6.56 -3.38
CA LEU A 9 -3.49 -6.82 -3.08
C LEU A 9 -3.74 -6.65 -1.58
N ASN A 10 -2.83 -7.16 -0.74
CA ASN A 10 -3.01 -6.96 0.69
C ASN A 10 -3.06 -5.46 1.02
N SER A 11 -2.14 -4.71 0.43
CA SER A 11 -2.09 -3.27 0.71
C SER A 11 -3.38 -2.58 0.25
N LEU A 12 -3.88 -2.95 -0.94
CA LEU A 12 -5.09 -2.33 -1.47
C LEU A 12 -6.31 -2.68 -0.62
N ILE A 13 -6.38 -3.93 -0.16
N ILE A 13 -6.42 -3.94 -0.19
CA ILE A 13 -7.51 -4.36 0.69
CA ILE A 13 -7.59 -4.29 0.65
C ILE A 13 -7.49 -3.56 1.96
C ILE A 13 -7.51 -3.61 2.00
N TYR A 14 -6.32 -3.38 2.55
CA TYR A 14 -6.23 -2.58 3.79
C TYR A 14 -6.79 -1.17 3.52
N VAL A 15 -6.36 -0.51 2.43
CA VAL A 15 -6.85 0.82 2.20
C VAL A 15 -8.34 0.85 1.93
N SER A 16 -8.86 -0.09 1.14
N SER A 16 -8.83 -0.17 1.22
CA SER A 16 -10.30 -0.15 0.87
CA SER A 16 -10.25 -0.37 1.04
C SER A 16 -11.08 -0.21 2.19
C SER A 16 -10.99 -0.42 2.38
N ARG A 17 -10.63 -1.11 3.06
N ARG A 17 -10.46 -1.23 3.32
CA ARG A 17 -11.24 -1.28 4.39
CA ARG A 17 -11.20 -1.37 4.55
C ARG A 17 -11.11 -0.03 5.26
C ARG A 17 -11.02 -0.12 5.41
N TYR A 18 -9.94 0.64 5.16
CA TYR A 18 -9.77 1.90 5.87
C TYR A 18 -10.84 2.92 5.46
N TYR A 19 -11.29 2.84 4.21
N TYR A 19 -11.32 2.81 4.22
CA TYR A 19 -12.35 3.69 3.70
CA TYR A 19 -12.39 3.67 3.72
C TYR A 19 -13.74 3.10 3.91
C TYR A 19 -13.76 3.02 3.81
N GLY A 20 -13.85 1.98 4.62
CA GLY A 20 -15.15 1.32 4.87
C GLY A 20 -15.74 0.71 3.63
N LEU A 21 -14.91 0.37 2.65
CA LEU A 21 -15.40 -0.19 1.43
C LEU A 21 -15.21 -1.69 1.50
N ALA A 22 -16.31 -2.41 1.33
CA ALA A 22 -16.37 -3.86 1.42
C ALA A 22 -16.07 -4.41 0.03
N ASN A 23 -14.98 -5.11 -0.07
CA ASN A 23 -14.63 -5.62 -1.38
C ASN A 23 -13.93 -6.87 -1.09
N SER A 24 -14.37 -7.94 -1.72
CA SER A 24 -13.65 -9.16 -1.62
C SER A 24 -12.36 -8.95 -2.43
N PRO A 25 -11.26 -9.55 -1.97
CA PRO A 25 -10.12 -9.66 -2.87
C PRO A 25 -10.50 -10.13 -4.30
N GLU A 26 -11.54 -10.97 -4.43
N GLU A 26 -11.57 -10.92 -4.43
CA GLU A 26 -12.06 -11.45 -5.74
CA GLU A 26 -12.03 -11.44 -5.73
C GLU A 26 -12.54 -10.34 -6.66
C GLU A 26 -12.58 -10.37 -6.67
N ALA A 27 -13.45 -9.49 -6.15
CA ALA A 27 -13.94 -8.34 -6.89
C ALA A 27 -12.78 -7.47 -7.37
N LEU A 28 -11.76 -7.33 -6.53
CA LEU A 28 -10.70 -6.38 -6.88
C LEU A 28 -9.82 -6.83 -8.02
N VAL A 29 -9.72 -8.13 -8.22
CA VAL A 29 -8.89 -8.63 -9.33
C VAL A 29 -9.73 -9.10 -10.53
N ASN A 30 -11.06 -9.00 -10.44
CA ASN A 30 -11.94 -9.56 -11.48
C ASN A 30 -11.68 -8.98 -12.85
N GLY A 31 -11.41 -9.84 -13.83
CA GLY A 31 -11.17 -9.40 -15.19
C GLY A 31 -9.79 -8.80 -15.47
N LEU A 32 -8.87 -8.87 -14.49
CA LEU A 32 -7.53 -8.32 -14.68
C LEU A 32 -6.50 -9.40 -15.01
N PRO A 33 -5.55 -9.08 -15.92
CA PRO A 33 -4.52 -10.07 -16.27
C PRO A 33 -3.35 -10.12 -15.31
N LEU A 34 -3.50 -10.92 -14.26
CA LEU A 34 -2.46 -11.03 -13.24
C LEU A 34 -1.13 -11.66 -13.69
N SER A 35 -0.04 -11.30 -13.00
CA SER A 35 1.30 -11.93 -13.20
C SER A 35 1.68 -12.89 -12.12
N ASP A 36 1.82 -14.18 -12.47
N ASP A 36 1.83 -14.18 -12.47
CA ASP A 36 2.15 -15.22 -11.50
CA ASP A 36 2.13 -15.21 -11.46
C ASP A 36 1.11 -15.11 -10.38
C ASP A 36 1.10 -15.11 -10.36
N GLY A 37 -0.13 -14.85 -10.78
CA GLY A 37 -1.27 -14.79 -9.87
C GLY A 37 -1.38 -13.55 -8.99
N LYS A 38 -0.60 -12.51 -9.32
CA LYS A 38 -0.47 -11.33 -8.46
C LYS A 38 -0.71 -10.03 -9.21
N LEU A 39 -1.21 -9.06 -8.46
CA LEU A 39 -1.24 -7.69 -8.96
C LEU A 39 0.18 -7.14 -9.16
N THR A 40 0.29 -6.18 -10.07
CA THR A 40 1.54 -5.42 -10.26
C THR A 40 1.16 -3.95 -10.21
N PRO A 41 2.16 -3.06 -10.15
CA PRO A 41 1.85 -1.63 -10.19
C PRO A 41 1.05 -1.20 -11.44
N PHE A 42 1.24 -1.93 -12.54
CA PHE A 42 0.49 -1.59 -13.76
C PHE A 42 -0.98 -1.84 -13.66
N LEU A 43 -1.40 -2.81 -12.85
N LEU A 43 -1.34 -2.79 -12.79
CA LEU A 43 -2.81 -3.18 -12.74
CA LEU A 43 -2.71 -3.20 -12.60
C LEU A 43 -3.53 -2.52 -11.58
C LEU A 43 -3.31 -2.51 -11.37
N LEU A 44 -2.75 -1.97 -10.65
N LEU A 44 -2.49 -1.89 -10.52
CA LEU A 44 -3.31 -1.50 -9.36
CA LEU A 44 -3.07 -1.38 -9.29
C LEU A 44 -4.32 -0.36 -9.52
C LEU A 44 -4.24 -0.41 -9.54
N PRO A 45 -4.10 0.58 -10.45
CA PRO A 45 -5.18 1.56 -10.63
C PRO A 45 -6.53 0.92 -11.01
N ARG A 46 -6.52 -0.09 -11.87
CA ARG A 46 -7.79 -0.73 -12.24
C ARG A 46 -8.35 -1.55 -11.10
N ALA A 47 -7.49 -2.20 -10.30
CA ALA A 47 -7.98 -2.89 -9.09
C ALA A 47 -8.58 -1.89 -8.10
N ALA A 48 -7.93 -0.75 -7.93
CA ALA A 48 -8.48 0.27 -7.05
C ALA A 48 -9.85 0.75 -7.53
N GLU A 49 -9.98 0.94 -8.86
N GLU A 49 -9.98 0.95 -8.85
CA GLU A 49 -11.28 1.35 -9.42
CA GLU A 49 -11.28 1.39 -9.36
C GLU A 49 -12.35 0.35 -9.01
C GLU A 49 -12.38 0.35 -9.05
N ARG A 50 -12.03 -0.93 -9.08
CA ARG A 50 -13.02 -1.97 -8.73
C ARG A 50 -13.39 -1.93 -7.27
N ALA A 51 -12.51 -1.36 -6.45
CA ALA A 51 -12.79 -1.18 -5.02
C ALA A 51 -13.62 0.10 -4.70
N GLY A 52 -13.74 1.04 -5.64
CA GLY A 52 -14.36 2.34 -5.42
C GLY A 52 -13.33 3.34 -5.00
N LEU A 53 -12.05 3.09 -5.34
CA LEU A 53 -10.93 3.98 -5.02
C LEU A 53 -10.28 4.50 -6.31
N VAL A 54 -9.42 5.47 -6.16
CA VAL A 54 -8.56 5.94 -7.24
C VAL A 54 -7.14 5.82 -6.74
N ALA A 55 -6.28 5.13 -7.50
CA ALA A 55 -4.89 4.98 -7.11
C ALA A 55 -4.01 5.49 -8.23
N LYS A 56 -3.02 6.28 -7.88
CA LYS A 56 -2.13 6.88 -8.88
C LYS A 56 -0.68 6.77 -8.42
N GLU A 57 0.21 6.27 -9.29
CA GLU A 57 1.62 6.08 -8.91
C GLU A 57 2.37 7.38 -9.07
N ASN A 58 3.21 7.67 -8.09
CA ASN A 58 4.06 8.87 -8.08
C ASN A 58 5.46 8.54 -7.61
N ARG A 59 6.43 9.41 -7.85
CA ARG A 59 7.75 9.28 -7.26
C ARG A 59 7.93 10.32 -6.20
N ALA A 60 8.46 9.91 -5.04
CA ALA A 60 8.87 10.87 -3.99
C ALA A 60 9.82 10.17 -3.06
N GLU A 61 10.79 10.90 -2.51
N GLU A 61 10.76 10.92 -2.47
CA GLU A 61 11.59 10.32 -1.43
CA GLU A 61 11.53 10.40 -1.34
C GLU A 61 10.67 10.13 -0.22
C GLU A 61 10.58 10.08 -0.22
N LEU A 62 10.95 9.11 0.60
CA LEU A 62 10.05 8.67 1.69
C LEU A 62 9.66 9.84 2.60
N GLU A 63 10.67 10.61 2.98
CA GLU A 63 10.46 11.69 3.96
C GLU A 63 9.82 12.93 3.34
N LYS A 64 9.52 12.89 2.04
CA LYS A 64 8.78 13.96 1.38
C LYS A 64 7.29 13.65 1.22
N ILE A 65 6.88 12.44 1.55
CA ILE A 65 5.47 12.05 1.44
C ILE A 65 4.71 12.72 2.62
N SER A 66 3.66 13.49 2.31
N SER A 66 3.66 13.46 2.34
CA SER A 66 2.87 14.17 3.34
CA SER A 66 3.00 14.12 3.44
C SER A 66 2.06 13.19 4.19
C SER A 66 2.04 13.20 4.20
N SER A 67 2.07 13.43 5.50
N SER A 67 2.05 13.34 5.51
CA SER A 67 1.18 12.69 6.38
CA SER A 67 1.13 12.57 6.34
C SER A 67 -0.27 12.78 5.91
C SER A 67 -0.31 12.78 5.94
N LEU A 68 -0.62 13.94 5.35
CA LEU A 68 -1.99 14.21 4.96
C LEU A 68 -2.55 13.22 3.97
N ILE A 69 -1.69 12.57 3.15
CA ILE A 69 -2.26 11.68 2.13
C ILE A 69 -2.36 10.24 2.60
N LEU A 70 -1.88 9.97 3.81
CA LEU A 70 -1.80 8.56 4.25
C LEU A 70 -3.20 8.06 4.61
N PRO A 71 -3.46 6.76 4.48
CA PRO A 71 -2.48 5.71 4.12
C PRO A 71 -2.15 5.70 2.60
N ALA A 72 -0.87 5.44 2.32
CA ALA A 72 -0.37 5.32 0.93
C ALA A 72 0.17 3.93 0.73
N ILE A 73 0.29 3.49 -0.52
CA ILE A 73 0.87 2.19 -0.77
C ILE A 73 2.30 2.36 -1.30
N LEU A 74 3.29 1.84 -0.58
CA LEU A 74 4.67 2.00 -1.01
C LEU A 74 5.08 0.81 -1.86
N VAL A 75 5.80 1.08 -2.94
CA VAL A 75 6.43 0.01 -3.70
C VAL A 75 7.81 -0.23 -3.11
N LEU A 76 8.06 -1.48 -2.73
CA LEU A 76 9.32 -1.87 -2.04
C LEU A 76 10.14 -2.75 -3.00
N LYS A 77 11.42 -2.87 -2.69
CA LYS A 77 12.34 -3.66 -3.52
C LYS A 77 11.85 -5.11 -3.62
N GLY A 78 12.15 -5.74 -4.76
CA GLY A 78 11.89 -7.16 -4.91
C GLY A 78 10.43 -7.53 -5.16
N GLY A 79 9.62 -6.58 -5.66
CA GLY A 79 8.21 -6.85 -5.94
C GLY A 79 7.33 -6.82 -4.70
N ASP A 80 7.82 -6.25 -3.61
N ASP A 80 7.85 -6.26 -3.60
CA ASP A 80 7.05 -6.19 -2.37
CA ASP A 80 7.09 -6.18 -2.36
C ASP A 80 6.38 -4.83 -2.25
C ASP A 80 6.32 -4.84 -2.30
N SER A 81 5.48 -4.71 -1.29
CA SER A 81 4.75 -3.44 -1.05
C SER A 81 4.27 -3.44 0.38
N CYS A 82 3.96 -2.26 0.86
CA CYS A 82 3.29 -2.15 2.15
C CYS A 82 2.42 -0.91 2.17
N VAL A 83 1.55 -0.83 3.17
CA VAL A 83 0.85 0.42 3.44
C VAL A 83 1.75 1.25 4.35
N LEU A 84 1.86 2.55 4.07
CA LEU A 84 2.44 3.50 5.01
C LEU A 84 1.28 4.18 5.71
N ASN A 85 1.22 3.97 7.03
CA ASN A 85 0.13 4.55 7.83
C ASN A 85 0.55 5.87 8.48
N SER A 86 1.81 5.98 8.92
CA SER A 86 2.33 7.22 9.53
C SER A 86 3.84 7.12 9.65
N ILE A 87 4.49 8.27 9.83
CA ILE A 87 5.94 8.34 10.16
C ILE A 87 6.15 9.30 11.30
N ASN A 88 6.91 8.88 12.29
CA ASN A 88 7.32 9.75 13.36
C ASN A 88 8.82 10.08 13.22
N MSE A 89 9.14 11.33 12.83
CA MSE A 89 10.54 11.73 12.61
C MSE A 89 11.31 11.97 13.89
O MSE A 89 12.53 12.01 13.86
CB MSE A 89 10.62 12.95 11.69
CG MSE A 89 10.20 12.67 10.23
SE MSE A 89 11.28 11.32 9.40
CE MSE A 89 13.07 11.98 9.91
N GLU A 90 10.60 12.13 15.01
N GLU A 90 10.59 12.07 15.01
CA GLU A 90 11.26 12.30 16.32
CA GLU A 90 11.21 12.33 16.31
C GLU A 90 11.78 10.97 16.78
C GLU A 90 11.66 11.03 16.97
N THR A 91 10.89 9.96 16.77
CA THR A 91 11.27 8.63 17.23
C THR A 91 11.92 7.81 16.12
N ARG A 92 11.86 8.32 14.89
N ARG A 92 11.84 8.31 14.89
CA ARG A 92 12.37 7.60 13.70
CA ARG A 92 12.37 7.61 13.71
C ARG A 92 11.73 6.21 13.59
C ARG A 92 11.73 6.22 13.58
N GLU A 93 10.41 6.21 13.60
CA GLU A 93 9.62 5.00 13.49
C GLU A 93 8.58 5.23 12.41
N ALA A 94 8.28 4.21 11.64
CA ALA A 94 7.17 4.27 10.69
C ALA A 94 6.15 3.25 11.10
N GLU A 95 4.88 3.59 10.91
N GLU A 95 4.88 3.59 10.89
CA GLU A 95 3.82 2.62 11.08
CA GLU A 95 3.74 2.68 11.09
C GLU A 95 3.42 2.16 9.69
C GLU A 95 3.36 2.15 9.71
N VAL A 96 3.50 0.85 9.50
CA VAL A 96 3.25 0.22 8.21
C VAL A 96 2.33 -0.98 8.36
N THR A 97 1.64 -1.37 7.29
CA THR A 97 0.86 -2.60 7.31
C THR A 97 1.45 -3.46 6.23
N THR A 98 1.93 -4.64 6.62
CA THR A 98 2.70 -5.48 5.72
C THR A 98 1.96 -6.78 5.43
N LEU A 99 2.47 -7.57 4.45
CA LEU A 99 1.84 -8.83 4.19
C LEU A 99 1.85 -9.73 5.45
N GLU A 100 2.94 -9.66 6.23
CA GLU A 100 3.02 -10.49 7.45
C GLU A 100 2.13 -9.97 8.55
N SER A 101 1.96 -8.65 8.68
CA SER A 101 1.11 -8.09 9.74
C SER A 101 -0.36 -8.19 9.37
N GLY A 102 -0.64 -8.42 8.09
CA GLY A 102 -1.99 -8.65 7.60
C GLY A 102 -2.75 -7.34 7.47
N MSE A 103 -3.70 -7.12 8.39
CA MSE A 103 -4.49 -5.93 8.46
C MSE A 103 -4.11 -5.05 9.66
O MSE A 103 -4.74 -4.02 9.86
CB MSE A 103 -5.98 -6.29 8.55
CG MSE A 103 -6.54 -7.00 7.31
SE MSE A 103 -6.57 -5.79 5.73
CE MSE A 103 -5.32 -6.74 4.63
N VAL A 104 -3.07 -5.43 10.43
CA VAL A 104 -2.72 -4.71 11.64
C VAL A 104 -1.49 -3.84 11.38
N PRO A 105 -1.61 -2.53 11.54
CA PRO A 105 -0.42 -1.68 11.39
C PRO A 105 0.56 -1.98 12.52
N ILE A 106 1.86 -1.96 12.16
CA ILE A 106 2.93 -2.20 13.12
C ILE A 106 4.00 -1.11 13.02
N SER A 107 4.78 -0.97 14.07
N SER A 107 4.76 -0.88 14.08
CA SER A 107 5.89 -0.03 14.13
CA SER A 107 5.83 0.12 14.08
C SER A 107 7.14 -0.70 13.62
C SER A 107 7.17 -0.52 13.80
N ILE A 108 7.88 0.05 12.80
CA ILE A 108 9.21 -0.40 12.42
C ILE A 108 10.20 0.75 12.40
N PRO A 109 11.49 0.46 12.51
CA PRO A 109 12.47 1.55 12.43
C PRO A 109 12.41 2.23 11.06
N LEU A 110 12.47 3.56 11.04
CA LEU A 110 12.45 4.30 9.81
C LEU A 110 13.57 3.88 8.86
N GLU A 111 14.75 3.62 9.43
N GLU A 111 14.76 3.61 9.37
CA GLU A 111 15.92 3.19 8.66
CA GLU A 111 15.84 3.30 8.45
C GLU A 111 15.59 1.96 7.79
C GLU A 111 15.63 1.92 7.76
N ASP A 112 14.83 1.04 8.38
CA ASP A 112 14.49 -0.22 7.71
C ASP A 112 13.59 0.03 6.50
N LEU A 113 12.64 0.94 6.66
CA LEU A 113 11.76 1.27 5.56
C LEU A 113 12.52 2.02 4.47
N LEU A 114 13.41 2.93 4.86
CA LEU A 114 14.21 3.68 3.86
C LEU A 114 15.01 2.72 3.01
N GLU A 115 15.57 1.67 3.60
N GLU A 115 15.56 1.69 3.64
CA GLU A 115 16.40 0.72 2.82
CA GLU A 115 16.38 0.72 2.96
C GLU A 115 15.62 -0.12 1.83
C GLU A 115 15.61 -0.02 1.85
N GLN A 116 14.33 -0.36 2.09
CA GLN A 116 13.54 -1.16 1.15
C GLN A 116 12.70 -0.33 0.17
N TYR A 117 12.52 0.96 0.43
CA TYR A 117 11.60 1.75 -0.37
C TYR A 117 12.23 2.10 -1.71
N THR A 118 11.46 1.96 -2.80
CA THR A 118 12.00 2.17 -4.15
C THR A 118 11.98 3.62 -4.60
N GLY A 119 11.24 4.49 -3.92
CA GLY A 119 11.03 5.84 -4.43
C GLY A 119 9.70 6.02 -5.14
N ARG A 120 8.94 4.94 -5.29
CA ARG A 120 7.64 4.99 -5.98
C ARG A 120 6.53 4.61 -4.99
N TYR A 121 5.42 5.33 -5.03
CA TYR A 121 4.28 5.01 -4.15
C TYR A 121 2.98 5.31 -4.87
N PHE A 122 1.86 4.80 -4.34
CA PHE A 122 0.53 5.14 -4.83
C PHE A 122 -0.18 6.00 -3.85
N LEU A 123 -0.70 7.11 -4.37
N LEU A 123 -0.68 7.12 -4.35
CA LEU A 123 -1.69 7.96 -3.70
CA LEU A 123 -1.63 7.92 -3.62
C LEU A 123 -3.06 7.37 -3.90
C LEU A 123 -2.97 7.25 -3.86
N VAL A 124 -3.78 7.08 -2.81
CA VAL A 124 -5.06 6.38 -2.91
C VAL A 124 -6.12 7.25 -2.26
N LYS A 125 -7.25 7.43 -2.92
CA LYS A 125 -8.34 8.24 -2.37
C LYS A 125 -9.65 7.61 -2.84
N LYS A 126 -10.76 8.04 -2.25
N LYS A 126 -10.75 8.08 -2.27
CA LYS A 126 -12.08 7.52 -2.65
CA LYS A 126 -12.08 7.63 -2.70
C LYS A 126 -12.49 8.13 -3.99
C LYS A 126 -12.41 8.15 -4.08
N GLN A 127 -13.12 7.33 -4.87
CA GLN A 127 -13.77 7.84 -6.09
C GLN A 127 -14.84 8.92 -5.73
#